data_2ZAO
#
_entry.id   2ZAO
#
_cell.length_a   75.673
_cell.length_b   75.673
_cell.length_c   132.685
_cell.angle_alpha   90.00
_cell.angle_beta   90.00
_cell.angle_gamma   120.00
#
_symmetry.space_group_name_H-M   'P 65'
#
loop_
_entity.id
_entity.type
_entity.pdbx_description
1 polymer 'Vacuolar protein sorting-associating protein 4B'
2 non-polymer "ADENOSINE-5'-DIPHOSPHATE"
#
_entity_poly.entity_id   1
_entity_poly.type   'polypeptide(L)'
_entity_poly.pdbx_seq_one_letter_code
;MASTNTNLQKAIDLASKAAQEDKAGNYEEALQLYQHAVQYFLHVVKYEAQGDKAKQSIRAKCTEYLDRAEKLKEYLKKKE
KKPQKPVKEEQSGPVDEKGNDSDGEAESDDPEKKKLQNQLQGAIVIERPNVKWSDVAGLEGAKEALKEAVILPIKFPHLF
TGKRTPWRGILLFGPPGTGKSYLAKAVATEANNSTFFSISSSDLVSKWLGESEKLVKNLFQLARENKPSIIFIDEIDSLC
GSRSENESEAARRIKTEFLVQMQGVGVDNDGILVLGATNIPWVLDSAIRRRFEKRIYIPLPEAHARAAMFRLHLGSTQNS
LTEADFQELGRKTDGYSGADISIIVRDALMQPVRKVQSATHFKKVRGPSRADPNCIVNDLLTPCSPGDPGAIEMTWMDVP
GDKLLEPVVSMWDMLRSLSSTKPTVNEQDLLKLKKFTEDFGQEG
;
_entity_poly.pdbx_strand_id   A
#
# COMPACT_ATOMS: atom_id res chain seq x y z
N ILE A 124 10.72 -8.81 10.29
CA ILE A 124 10.91 -10.25 10.19
C ILE A 124 10.89 -10.74 8.73
N VAL A 125 9.81 -10.44 7.99
CA VAL A 125 9.66 -10.87 6.58
C VAL A 125 10.88 -10.51 5.72
N ILE A 126 11.47 -11.54 5.12
CA ILE A 126 12.66 -11.42 4.28
C ILE A 126 12.35 -11.66 2.81
N GLU A 127 11.10 -11.37 2.41
CA GLU A 127 10.64 -11.60 1.04
C GLU A 127 10.82 -10.51 -0.03
N ARG A 128 10.21 -10.83 -1.18
CA ARG A 128 10.18 -9.98 -2.38
C ARG A 128 8.72 -10.10 -2.85
N PRO A 129 8.01 -8.97 -2.96
CA PRO A 129 6.61 -9.00 -3.40
C PRO A 129 6.46 -8.81 -4.91
N ASN A 130 5.26 -8.45 -5.35
CA ASN A 130 4.99 -8.23 -6.75
C ASN A 130 4.06 -7.02 -6.90
N VAL A 131 4.62 -5.85 -6.59
CA VAL A 131 3.91 -4.58 -6.68
C VAL A 131 4.73 -3.67 -7.59
N LYS A 132 4.35 -3.68 -8.87
CA LYS A 132 4.98 -2.90 -9.91
C LYS A 132 4.64 -1.44 -9.75
N TRP A 133 5.52 -0.58 -10.23
CA TRP A 133 5.28 0.85 -10.15
C TRP A 133 3.88 1.15 -10.66
N SER A 134 3.54 0.51 -11.78
CA SER A 134 2.23 0.66 -12.41
C SER A 134 1.07 0.58 -11.42
N ASP A 135 1.19 -0.35 -10.48
CA ASP A 135 0.17 -0.53 -9.45
C ASP A 135 0.06 0.64 -8.47
N VAL A 136 1.19 1.31 -8.26
CA VAL A 136 1.20 2.45 -7.37
C VAL A 136 0.71 3.59 -8.22
N ALA A 137 -0.46 4.14 -7.89
CA ALA A 137 -1.00 5.23 -8.68
C ALA A 137 -0.44 6.54 -8.17
N GLY A 138 -0.37 7.54 -9.03
CA GLY A 138 0.17 8.83 -8.61
C GLY A 138 1.64 8.73 -8.26
N LEU A 139 2.04 9.56 -7.29
CA LEU A 139 3.41 9.59 -6.78
C LEU A 139 4.50 9.59 -7.86
N GLU A 140 4.36 10.45 -8.85
CA GLU A 140 5.36 10.49 -9.92
C GLU A 140 6.72 10.77 -9.31
N GLY A 141 6.80 11.88 -8.58
CA GLY A 141 8.07 12.25 -7.95
C GLY A 141 8.62 11.24 -6.97
N ALA A 142 7.76 10.66 -6.13
CA ALA A 142 8.24 9.69 -5.17
C ALA A 142 8.90 8.62 -5.98
N LYS A 143 8.22 8.21 -7.03
CA LYS A 143 8.73 7.18 -7.90
C LYS A 143 10.09 7.55 -8.42
N GLU A 144 10.22 8.72 -9.03
CA GLU A 144 11.50 9.11 -9.57
C GLU A 144 12.53 9.19 -8.45
N ALA A 145 12.26 10.02 -7.45
CA ALA A 145 13.14 10.17 -6.31
C ALA A 145 13.68 8.83 -5.83
N LEU A 146 12.81 7.84 -5.75
CA LEU A 146 13.20 6.50 -5.28
C LEU A 146 14.02 5.74 -6.31
N LYS A 147 13.81 6.04 -7.58
CA LYS A 147 14.55 5.37 -8.64
C LYS A 147 16.00 5.88 -8.57
N GLU A 148 16.11 7.21 -8.52
CA GLU A 148 17.41 7.87 -8.42
C GLU A 148 18.24 7.46 -7.20
N ALA A 149 17.58 7.19 -6.07
CA ALA A 149 18.28 6.82 -4.86
C ALA A 149 18.33 5.33 -4.58
N VAL A 150 17.48 4.55 -5.21
CA VAL A 150 17.55 3.13 -4.90
C VAL A 150 17.86 2.20 -6.04
N ILE A 151 17.19 2.39 -7.17
CA ILE A 151 17.40 1.54 -8.33
C ILE A 151 18.68 1.87 -9.11
N LEU A 152 18.87 3.12 -9.55
CA LEU A 152 20.07 3.43 -10.29
C LEU A 152 21.37 3.04 -9.57
N PRO A 153 21.52 3.44 -8.29
CA PRO A 153 22.76 3.06 -7.62
C PRO A 153 23.01 1.59 -7.70
N ILE A 154 21.94 0.81 -7.76
CA ILE A 154 22.12 -0.61 -7.87
C ILE A 154 22.57 -1.04 -9.26
N LYS A 155 21.89 -0.51 -10.29
CA LYS A 155 22.16 -0.87 -11.70
C LYS A 155 23.48 -0.28 -12.24
N PHE A 156 23.71 0.99 -11.94
CA PHE A 156 24.87 1.70 -12.39
C PHE A 156 25.66 2.16 -11.18
N PRO A 157 26.42 1.26 -10.56
CA PRO A 157 27.23 1.56 -9.37
C PRO A 157 28.30 2.59 -9.64
N HIS A 158 28.99 2.45 -10.78
CA HIS A 158 30.08 3.39 -11.15
C HIS A 158 29.62 4.84 -11.17
N LEU A 159 28.31 5.03 -11.34
CA LEU A 159 27.75 6.36 -11.41
C LEU A 159 27.67 7.00 -10.02
N PHE A 160 27.39 6.17 -9.03
CA PHE A 160 27.26 6.63 -7.66
C PHE A 160 28.43 6.27 -6.76
N THR A 161 29.62 6.68 -7.16
CA THR A 161 30.81 6.45 -6.36
C THR A 161 31.27 7.81 -5.92
N GLY A 162 32.42 7.84 -5.26
CA GLY A 162 32.99 9.09 -4.80
C GLY A 162 32.03 10.09 -4.18
N LYS A 163 31.87 11.24 -4.82
CA LYS A 163 31.00 12.29 -4.29
C LYS A 163 29.51 12.03 -4.48
N ARG A 164 29.15 11.02 -5.27
CA ARG A 164 27.74 10.69 -5.50
C ARG A 164 27.35 9.43 -4.77
N THR A 165 27.89 9.19 -3.58
CA THR A 165 27.49 8.00 -2.85
C THR A 165 26.06 8.26 -2.46
N PRO A 166 25.15 7.32 -2.78
CA PRO A 166 23.73 7.47 -2.47
C PRO A 166 23.50 7.67 -0.98
N TRP A 167 22.44 8.39 -0.66
CA TRP A 167 22.11 8.65 0.73
C TRP A 167 21.84 7.36 1.53
N ARG A 168 22.19 7.38 2.82
CA ARG A 168 22.05 6.22 3.70
C ARG A 168 20.63 5.81 4.03
N GLY A 169 19.78 6.81 4.31
CA GLY A 169 18.39 6.52 4.67
C GLY A 169 17.36 7.53 4.22
N ILE A 170 16.30 7.01 3.60
CA ILE A 170 15.20 7.82 3.08
C ILE A 170 13.99 7.69 4.02
N LEU A 171 13.35 8.80 4.32
CA LEU A 171 12.21 8.71 5.21
C LEU A 171 10.89 9.12 4.57
N LEU A 172 10.10 8.12 4.22
CA LEU A 172 8.79 8.33 3.63
C LEU A 172 7.84 8.85 4.69
N PHE A 173 7.26 10.03 4.52
CA PHE A 173 6.36 10.52 5.53
C PHE A 173 5.19 11.29 4.96
N GLY A 174 4.16 11.48 5.77
CA GLY A 174 3.00 12.19 5.32
C GLY A 174 1.72 11.53 5.82
N PRO A 175 0.53 12.13 5.56
CA PRO A 175 -0.73 11.53 6.04
C PRO A 175 -0.81 10.04 5.85
N PRO A 176 -1.61 9.36 6.69
CA PRO A 176 -1.77 7.93 6.64
C PRO A 176 -2.56 7.45 5.45
N GLY A 177 -2.20 6.25 5.00
CA GLY A 177 -2.88 5.62 3.88
C GLY A 177 -2.65 6.29 2.55
N THR A 178 -1.58 7.08 2.44
CA THR A 178 -1.25 7.77 1.19
C THR A 178 -0.30 6.96 0.31
N GLY A 179 0.23 5.86 0.83
CA GLY A 179 1.09 5.08 -0.01
C GLY A 179 2.39 4.59 0.57
N LYS A 180 2.83 5.18 1.69
CA LYS A 180 4.09 4.79 2.33
C LYS A 180 4.44 3.30 2.25
N SER A 181 3.76 2.48 3.07
CA SER A 181 4.05 1.05 3.06
C SER A 181 3.98 0.55 1.63
N TYR A 182 2.81 0.69 1.00
CA TYR A 182 2.61 0.23 -0.39
C TYR A 182 3.79 0.50 -1.33
N LEU A 183 4.10 1.77 -1.47
CA LEU A 183 5.21 2.20 -2.32
C LEU A 183 6.46 1.43 -1.92
N ALA A 184 6.61 1.16 -0.62
CA ALA A 184 7.79 0.42 -0.14
C ALA A 184 7.95 -0.92 -0.89
N LYS A 185 6.85 -1.65 -0.98
CA LYS A 185 6.84 -2.92 -1.67
C LYS A 185 7.15 -2.70 -3.15
N ALA A 186 6.80 -1.53 -3.66
CA ALA A 186 7.06 -1.26 -5.06
C ALA A 186 8.55 -1.34 -5.29
N VAL A 187 9.33 -0.63 -4.49
CA VAL A 187 10.79 -0.66 -4.64
C VAL A 187 11.29 -2.06 -4.36
N ALA A 188 10.59 -2.75 -3.46
CA ALA A 188 10.93 -4.11 -3.07
C ALA A 188 10.82 -5.05 -4.26
N THR A 189 9.99 -4.70 -5.24
CA THR A 189 9.87 -5.55 -6.41
C THR A 189 10.87 -5.01 -7.43
N GLU A 190 10.87 -3.70 -7.63
CA GLU A 190 11.77 -3.12 -8.60
C GLU A 190 13.23 -3.21 -8.18
N ALA A 191 13.51 -3.89 -7.07
CA ALA A 191 14.88 -4.08 -6.60
C ALA A 191 15.36 -5.32 -7.34
N ASN A 192 16.26 -5.10 -8.29
CA ASN A 192 16.81 -6.18 -9.11
C ASN A 192 17.56 -7.21 -8.27
N ASN A 193 16.80 -8.20 -7.80
CA ASN A 193 17.32 -9.28 -6.96
C ASN A 193 18.04 -8.78 -5.69
N SER A 194 18.05 -7.46 -5.53
CA SER A 194 18.67 -6.81 -4.38
C SER A 194 17.77 -7.10 -3.18
N THR A 195 18.05 -8.21 -2.49
CA THR A 195 17.27 -8.66 -1.35
C THR A 195 16.64 -7.54 -0.50
N PHE A 196 15.36 -7.72 -0.17
CA PHE A 196 14.58 -6.76 0.60
C PHE A 196 14.20 -7.23 2.00
N PHE A 197 14.41 -6.39 3.01
CA PHE A 197 14.08 -6.76 4.37
C PHE A 197 13.03 -5.83 4.94
N SER A 198 11.97 -6.40 5.51
CA SER A 198 10.90 -5.58 6.09
C SER A 198 10.56 -5.93 7.55
N ILE A 199 10.59 -4.94 8.42
CA ILE A 199 10.25 -5.13 9.83
C ILE A 199 9.23 -4.04 10.20
N SER A 200 8.66 -4.11 11.39
CA SER A 200 7.66 -3.13 11.80
C SER A 200 7.52 -3.13 13.33
N SER A 201 6.68 -2.24 13.83
CA SER A 201 6.39 -2.10 15.25
C SER A 201 5.92 -3.46 15.78
N SER A 202 6.78 -4.13 16.53
CA SER A 202 6.48 -5.44 17.09
C SER A 202 7.52 -5.80 18.16
N SER A 212 15.91 -8.34 25.21
CA SER A 212 16.38 -9.45 24.38
C SER A 212 16.17 -9.18 22.88
N GLU A 213 15.77 -7.94 22.57
CA GLU A 213 15.52 -7.50 21.18
C GLU A 213 16.80 -7.04 20.47
N LYS A 214 17.83 -7.88 20.59
CA LYS A 214 19.13 -7.64 19.99
C LYS A 214 19.04 -8.14 18.53
N LEU A 215 17.83 -8.50 18.13
CA LEU A 215 17.60 -8.98 16.77
C LEU A 215 17.81 -7.86 15.75
N VAL A 216 18.05 -6.65 16.25
CA VAL A 216 18.32 -5.50 15.38
C VAL A 216 19.69 -5.77 14.79
N LYS A 217 20.64 -6.07 15.66
CA LYS A 217 22.00 -6.38 15.25
C LYS A 217 21.92 -7.49 14.21
N ASN A 218 21.05 -8.47 14.49
CA ASN A 218 20.88 -9.60 13.62
C ASN A 218 20.36 -9.25 12.22
N LEU A 219 19.43 -8.29 12.15
CA LEU A 219 18.86 -7.86 10.85
C LEU A 219 19.96 -7.35 9.90
N PHE A 220 20.61 -6.26 10.29
CA PHE A 220 21.67 -5.68 9.49
C PHE A 220 22.70 -6.72 9.07
N GLN A 221 22.85 -7.76 9.87
CA GLN A 221 23.83 -8.77 9.54
C GLN A 221 23.56 -9.45 8.20
N LEU A 222 22.49 -10.24 8.13
CA LEU A 222 22.19 -10.92 6.88
C LEU A 222 22.15 -9.96 5.71
N ALA A 223 21.90 -8.68 6.04
CA ALA A 223 21.83 -7.62 5.03
C ALA A 223 23.21 -7.36 4.43
N ARG A 224 24.20 -7.20 5.31
CA ARG A 224 25.54 -6.97 4.84
C ARG A 224 26.06 -8.20 4.10
N GLU A 225 25.61 -9.37 4.54
CA GLU A 225 26.03 -10.63 3.94
C GLU A 225 25.44 -10.84 2.55
N ASN A 226 24.41 -10.07 2.22
CA ASN A 226 23.73 -10.20 0.94
C ASN A 226 23.68 -8.92 0.09
N LYS A 227 24.55 -7.97 0.39
CA LYS A 227 24.57 -6.70 -0.34
C LYS A 227 24.66 -6.94 -1.84
N PRO A 228 24.01 -6.08 -2.65
CA PRO A 228 23.21 -4.92 -2.22
C PRO A 228 21.87 -5.33 -1.62
N SER A 229 21.49 -4.68 -0.51
CA SER A 229 20.25 -5.01 0.16
C SER A 229 19.52 -3.78 0.72
N ILE A 230 18.20 -3.88 0.86
CA ILE A 230 17.39 -2.77 1.36
C ILE A 230 16.73 -3.09 2.68
N ILE A 231 16.57 -2.09 3.54
CA ILE A 231 15.91 -2.34 4.81
C ILE A 231 14.71 -1.40 4.97
N PHE A 232 13.53 -1.98 5.13
CA PHE A 232 12.34 -1.15 5.30
C PHE A 232 11.76 -1.35 6.70
N ILE A 233 11.67 -0.26 7.43
CA ILE A 233 11.12 -0.30 8.77
C ILE A 233 9.83 0.50 8.77
N ASP A 234 8.70 -0.20 8.69
CA ASP A 234 7.38 0.45 8.66
C ASP A 234 7.11 1.18 9.98
N GLU A 235 6.36 2.26 9.91
CA GLU A 235 6.02 3.05 11.08
C GLU A 235 7.18 3.12 12.06
N ILE A 236 8.27 3.76 11.65
CA ILE A 236 9.43 3.91 12.52
C ILE A 236 9.05 4.72 13.76
N ASP A 237 8.00 5.53 13.64
CA ASP A 237 7.53 6.35 14.75
C ASP A 237 7.25 5.50 15.98
N SER A 238 7.33 4.17 15.82
CA SER A 238 7.11 3.21 16.90
C SER A 238 8.03 3.57 18.05
N LEU A 239 9.32 3.31 17.84
CA LEU A 239 10.36 3.60 18.82
C LEU A 239 10.54 5.10 19.08
N CYS A 240 9.74 5.65 19.99
CA CYS A 240 9.77 7.08 20.36
C CYS A 240 8.80 7.41 21.50
N GLY A 241 8.15 8.56 21.37
CA GLY A 241 7.18 9.02 22.37
C GLY A 241 7.44 10.48 22.74
N SER A 242 7.47 11.35 21.72
CA SER A 242 7.74 12.77 21.91
C SER A 242 6.50 13.67 22.07
N ARG A 243 5.43 13.14 22.64
CA ARG A 243 4.21 13.90 22.86
C ARG A 243 3.81 13.95 24.34
N SER A 244 3.45 12.81 24.90
CA SER A 244 3.07 12.73 26.31
C SER A 244 4.20 12.08 27.10
N GLU A 245 5.37 11.99 26.48
CA GLU A 245 6.55 11.37 27.08
C GLU A 245 6.36 9.88 27.39
N ASN A 246 5.95 9.13 26.37
CA ASN A 246 5.74 7.69 26.49
C ASN A 246 7.13 7.04 26.61
N GLU A 247 7.51 6.74 27.85
CA GLU A 247 8.82 6.17 28.13
C GLU A 247 8.86 4.77 28.76
N SER A 248 9.76 3.95 28.20
CA SER A 248 9.99 2.58 28.63
C SER A 248 11.48 2.48 28.99
N GLU A 249 11.80 1.52 29.85
CA GLU A 249 13.17 1.31 30.32
C GLU A 249 14.13 0.80 29.24
N ALA A 250 13.79 -0.34 28.66
CA ALA A 250 14.63 -0.96 27.63
C ALA A 250 14.30 -0.50 26.21
N ALA A 251 13.23 0.29 26.05
CA ALA A 251 12.89 0.79 24.72
C ALA A 251 13.91 1.87 24.38
N ARG A 252 14.54 2.40 25.42
CA ARG A 252 15.59 3.42 25.32
C ARG A 252 16.84 2.67 24.91
N ARG A 253 16.82 1.37 25.16
CA ARG A 253 17.92 0.49 24.84
C ARG A 253 17.77 -0.01 23.40
N ILE A 254 16.52 -0.28 23.02
CA ILE A 254 16.22 -0.78 21.68
C ILE A 254 16.55 0.24 20.60
N LYS A 255 16.30 1.51 20.91
CA LYS A 255 16.58 2.60 19.98
C LYS A 255 18.08 2.69 19.68
N THR A 256 18.87 2.91 20.72
CA THR A 256 20.32 3.02 20.57
C THR A 256 20.99 1.84 19.88
N GLU A 257 20.37 0.66 19.92
CA GLU A 257 20.98 -0.50 19.27
C GLU A 257 21.12 -0.21 17.78
N PHE A 258 20.04 0.31 17.19
CA PHE A 258 19.97 0.65 15.78
C PHE A 258 20.59 2.01 15.49
N LEU A 259 20.39 2.93 16.43
CA LEU A 259 20.92 4.29 16.31
C LEU A 259 22.43 4.27 16.17
N VAL A 260 23.02 3.13 16.50
CA VAL A 260 24.46 2.93 16.40
C VAL A 260 24.76 2.26 15.07
N GLN A 261 23.93 1.29 14.70
CA GLN A 261 24.09 0.55 13.46
C GLN A 261 24.22 1.46 12.23
N MET A 262 23.70 2.69 12.33
CA MET A 262 23.75 3.64 11.22
C MET A 262 25.14 3.90 10.63
N GLN A 263 26.18 3.87 11.48
CA GLN A 263 27.55 4.08 11.02
C GLN A 263 28.30 2.75 10.97
N GLY A 264 28.33 2.06 12.11
CA GLY A 264 28.99 0.78 12.21
C GLY A 264 30.50 0.82 12.10
N VAL A 265 31.19 0.23 13.09
CA VAL A 265 32.66 0.18 13.13
C VAL A 265 33.14 -0.47 11.82
N GLY A 266 32.52 -1.59 11.47
CA GLY A 266 32.83 -2.28 10.23
C GLY A 266 31.90 -1.71 9.18
N VAL A 267 32.13 -0.44 8.83
CA VAL A 267 31.34 0.32 7.86
C VAL A 267 30.43 -0.51 6.95
N ASP A 268 29.12 -0.20 7.01
CA ASP A 268 28.12 -0.85 6.18
C ASP A 268 28.08 -0.04 4.87
N ASN A 269 29.28 0.39 4.46
CA ASN A 269 29.51 1.17 3.23
C ASN A 269 28.80 0.47 2.08
N ASP A 270 28.56 -0.82 2.30
CA ASP A 270 27.89 -1.70 1.35
C ASP A 270 26.71 -1.00 0.68
N GLY A 271 26.18 -1.62 -0.36
CA GLY A 271 25.03 -1.06 -1.05
C GLY A 271 23.81 -1.41 -0.21
N ILE A 272 23.68 -0.76 0.93
CA ILE A 272 22.58 -0.99 1.87
C ILE A 272 21.86 0.32 2.23
N LEU A 273 20.56 0.40 1.93
CA LEU A 273 19.75 1.59 2.22
C LEU A 273 18.65 1.32 3.23
N VAL A 274 18.36 2.29 4.08
CA VAL A 274 17.32 2.12 5.08
C VAL A 274 16.09 2.98 4.78
N LEU A 275 14.95 2.32 4.62
CA LEU A 275 13.72 3.00 4.32
C LEU A 275 12.91 3.11 5.59
N GLY A 276 12.33 4.27 5.84
CA GLY A 276 11.54 4.41 7.05
C GLY A 276 10.19 4.98 6.74
N ALA A 277 9.12 4.43 7.31
CA ALA A 277 7.80 4.99 7.03
C ALA A 277 7.23 5.65 8.27
N THR A 278 6.30 6.59 8.10
CA THR A 278 5.70 7.26 9.25
C THR A 278 4.54 8.21 8.90
N ASN A 279 3.53 8.24 9.78
CA ASN A 279 2.37 9.10 9.59
C ASN A 279 2.43 10.23 10.62
N ILE A 280 3.30 10.04 11.61
CA ILE A 280 3.51 11.00 12.69
C ILE A 280 5.01 11.18 12.87
N PRO A 281 5.68 11.81 11.89
CA PRO A 281 7.12 12.07 11.90
C PRO A 281 7.65 13.06 12.95
N TRP A 282 6.83 14.02 13.36
CA TRP A 282 7.25 15.00 14.34
C TRP A 282 7.56 14.36 15.70
N VAL A 283 6.92 13.23 15.98
CA VAL A 283 7.19 12.55 17.24
C VAL A 283 8.52 11.84 17.16
N LEU A 284 9.22 12.01 16.05
CA LEU A 284 10.50 11.34 15.91
C LEU A 284 11.62 12.02 16.69
N ASP A 285 12.59 11.18 17.06
CA ASP A 285 13.76 11.59 17.83
C ASP A 285 14.87 12.04 16.90
N SER A 286 15.27 13.30 17.08
CA SER A 286 16.32 13.93 16.29
C SER A 286 17.48 12.98 16.08
N ALA A 287 17.64 12.08 17.03
CA ALA A 287 18.70 11.10 16.97
C ALA A 287 18.54 10.30 15.71
N ILE A 288 17.33 9.77 15.51
CA ILE A 288 17.04 8.95 14.32
C ILE A 288 16.72 9.80 13.11
N ARG A 289 15.82 10.76 13.31
CA ARG A 289 15.42 11.68 12.25
C ARG A 289 16.64 12.19 11.47
N ARG A 290 17.72 12.51 12.17
CA ARG A 290 18.93 13.03 11.53
C ARG A 290 19.86 11.98 10.94
N ARG A 291 19.41 10.74 10.84
CA ARG A 291 20.24 9.71 10.20
C ARG A 291 19.56 9.36 8.87
N PHE A 292 18.58 10.19 8.52
CA PHE A 292 17.81 10.09 7.29
C PHE A 292 18.01 11.45 6.65
N GLU A 293 19.01 11.53 5.77
CA GLU A 293 19.36 12.77 5.09
C GLU A 293 18.37 13.14 4.01
N LYS A 294 17.83 12.11 3.35
CA LYS A 294 16.85 12.33 2.28
C LYS A 294 15.47 11.93 2.80
N ARG A 295 14.55 12.88 2.82
CA ARG A 295 13.19 12.65 3.31
C ARG A 295 12.19 12.97 2.19
N ILE A 296 11.18 12.12 2.01
CA ILE A 296 10.19 12.29 0.96
C ILE A 296 8.77 12.37 1.49
N TYR A 297 7.97 13.29 0.98
CA TYR A 297 6.58 13.42 1.41
C TYR A 297 5.68 12.58 0.51
N ILE A 298 4.65 11.97 1.09
CA ILE A 298 3.74 11.15 0.31
C ILE A 298 2.35 11.71 0.52
N PRO A 299 1.88 12.57 -0.40
CA PRO A 299 0.60 13.23 -0.35
C PRO A 299 -0.69 12.47 -0.58
N LEU A 300 -1.78 13.16 -0.30
CA LEU A 300 -3.10 12.61 -0.52
C LEU A 300 -3.26 12.66 -2.03
N PRO A 301 -3.72 11.55 -2.63
CA PRO A 301 -3.93 11.41 -4.06
C PRO A 301 -4.74 12.54 -4.69
N GLU A 302 -4.36 12.92 -5.91
CA GLU A 302 -5.07 13.95 -6.63
C GLU A 302 -6.15 13.23 -7.39
N ALA A 303 -6.99 14.00 -8.05
CA ALA A 303 -8.07 13.44 -8.83
C ALA A 303 -7.68 12.21 -9.64
N HIS A 304 -6.97 12.40 -10.75
CA HIS A 304 -6.57 11.30 -11.61
C HIS A 304 -6.06 10.06 -10.91
N ALA A 305 -5.36 10.29 -9.82
CA ALA A 305 -4.76 9.26 -9.00
C ALA A 305 -5.79 8.39 -8.35
N ARG A 306 -6.81 9.05 -7.80
CA ARG A 306 -7.91 8.34 -7.15
C ARG A 306 -8.51 7.43 -8.23
N ALA A 307 -9.11 8.03 -9.26
CA ALA A 307 -9.71 7.27 -10.35
C ALA A 307 -8.95 5.99 -10.66
N ALA A 308 -7.65 6.09 -10.91
CA ALA A 308 -6.87 4.88 -11.21
C ALA A 308 -6.92 3.87 -10.06
N MET A 309 -6.85 4.33 -8.83
CA MET A 309 -6.89 3.41 -7.73
C MET A 309 -8.19 2.60 -7.75
N PHE A 310 -9.29 3.22 -8.19
CA PHE A 310 -10.56 2.51 -8.30
C PHE A 310 -10.46 1.43 -9.37
N ARG A 311 -9.93 1.78 -10.54
CA ARG A 311 -9.77 0.79 -11.59
C ARG A 311 -8.79 -0.29 -11.20
N LEU A 312 -7.69 0.10 -10.55
CA LEU A 312 -6.63 -0.84 -10.14
C LEU A 312 -7.10 -1.90 -9.17
N HIS A 313 -7.67 -1.46 -8.06
CA HIS A 313 -8.19 -2.37 -7.03
C HIS A 313 -9.32 -3.23 -7.54
N LEU A 314 -10.13 -2.66 -8.44
CA LEU A 314 -11.23 -3.41 -9.01
C LEU A 314 -10.56 -4.61 -9.65
N GLY A 315 -9.33 -4.40 -10.11
CA GLY A 315 -8.57 -5.46 -10.73
C GLY A 315 -9.20 -6.02 -12.00
N SER A 316 -9.07 -7.33 -12.18
CA SER A 316 -9.58 -8.06 -13.36
C SER A 316 -10.87 -8.75 -13.07
N THR A 317 -11.57 -8.27 -12.07
CA THR A 317 -12.82 -8.84 -11.64
C THR A 317 -13.99 -8.38 -12.50
N GLN A 318 -14.96 -9.27 -12.67
CA GLN A 318 -16.19 -9.02 -13.45
C GLN A 318 -16.94 -7.77 -12.95
N ASN A 319 -17.10 -6.75 -13.78
CA ASN A 319 -17.82 -5.53 -13.36
C ASN A 319 -18.51 -4.87 -14.55
N SER A 320 -18.75 -3.57 -14.47
CA SER A 320 -19.40 -2.94 -15.60
C SER A 320 -19.26 -1.43 -15.53
N LEU A 321 -18.13 -1.01 -14.98
CA LEU A 321 -17.85 0.42 -14.83
C LEU A 321 -17.11 0.97 -16.04
N THR A 322 -17.65 2.06 -16.58
CA THR A 322 -17.05 2.72 -17.73
C THR A 322 -16.02 3.75 -17.30
N GLU A 323 -15.16 4.14 -18.23
CA GLU A 323 -14.13 5.14 -17.94
C GLU A 323 -14.77 6.35 -17.31
N ALA A 324 -15.83 6.85 -17.92
CA ALA A 324 -16.48 8.01 -17.36
C ALA A 324 -16.85 7.77 -15.90
N ASP A 325 -17.11 6.50 -15.56
CA ASP A 325 -17.46 6.15 -14.19
C ASP A 325 -16.30 6.32 -13.24
N PHE A 326 -15.15 5.80 -13.63
CA PHE A 326 -14.01 5.92 -12.76
C PHE A 326 -13.71 7.37 -12.53
N GLN A 327 -13.69 8.14 -13.61
CA GLN A 327 -13.39 9.55 -13.47
C GLN A 327 -14.38 10.19 -12.49
N GLU A 328 -15.65 9.84 -12.61
CA GLU A 328 -16.71 10.39 -11.75
C GLU A 328 -16.45 9.99 -10.28
N LEU A 329 -16.00 8.75 -10.05
CA LEU A 329 -15.67 8.29 -8.70
C LEU A 329 -14.49 9.11 -8.17
N GLY A 330 -13.53 9.36 -9.06
CA GLY A 330 -12.35 10.13 -8.72
C GLY A 330 -12.74 11.51 -8.23
N ARG A 331 -13.66 12.11 -8.96
CA ARG A 331 -14.15 13.43 -8.60
C ARG A 331 -14.88 13.36 -7.23
N LYS A 332 -15.60 12.28 -7.00
CA LYS A 332 -16.35 12.15 -5.76
C LYS A 332 -15.50 11.96 -4.52
N THR A 333 -14.44 11.16 -4.64
CA THR A 333 -13.56 10.90 -3.49
C THR A 333 -12.56 12.01 -3.18
N ASP A 334 -12.99 13.25 -3.29
CA ASP A 334 -12.13 14.39 -3.01
C ASP A 334 -11.63 14.38 -1.57
N GLY A 335 -10.32 14.26 -1.34
CA GLY A 335 -9.87 14.26 0.03
C GLY A 335 -9.71 12.88 0.65
N TYR A 336 -10.08 11.85 -0.08
CA TYR A 336 -9.91 10.51 0.48
C TYR A 336 -8.46 10.10 0.30
N SER A 337 -7.99 9.16 1.11
CA SER A 337 -6.63 8.66 1.01
C SER A 337 -6.70 7.41 0.15
N GLY A 338 -5.55 6.82 -0.15
CA GLY A 338 -5.59 5.62 -0.95
C GLY A 338 -6.13 4.44 -0.17
N ALA A 339 -5.91 4.41 1.14
CA ALA A 339 -6.40 3.29 1.93
C ALA A 339 -7.92 3.31 2.04
N ASP A 340 -8.45 4.52 2.08
CA ASP A 340 -9.89 4.74 2.17
C ASP A 340 -10.54 4.12 0.94
N ILE A 341 -10.04 4.47 -0.24
CA ILE A 341 -10.58 3.94 -1.48
C ILE A 341 -10.48 2.43 -1.52
N SER A 342 -9.34 1.89 -1.13
CA SER A 342 -9.15 0.43 -1.15
C SER A 342 -10.15 -0.26 -0.24
N ILE A 343 -10.52 0.44 0.82
CA ILE A 343 -11.47 -0.05 1.77
C ILE A 343 -12.82 -0.01 1.07
N ILE A 344 -13.03 1.00 0.23
CA ILE A 344 -14.30 1.13 -0.52
C ILE A 344 -14.43 0.02 -1.52
N VAL A 345 -13.54 -0.06 -2.48
CA VAL A 345 -13.61 -1.13 -3.46
C VAL A 345 -13.73 -2.51 -2.79
N ARG A 346 -12.84 -2.85 -1.86
CA ARG A 346 -12.92 -4.17 -1.21
C ARG A 346 -14.34 -4.45 -0.73
N ASP A 347 -15.11 -3.40 -0.42
CA ASP A 347 -16.51 -3.58 0.01
C ASP A 347 -17.42 -3.83 -1.18
N ALA A 348 -17.52 -2.86 -2.08
CA ALA A 348 -18.35 -2.99 -3.28
C ALA A 348 -18.00 -4.30 -3.96
N LEU A 349 -16.72 -4.58 -4.06
CA LEU A 349 -16.26 -5.78 -4.69
C LEU A 349 -16.99 -7.00 -4.13
N MET A 350 -17.34 -6.95 -2.84
CA MET A 350 -18.02 -8.06 -2.17
C MET A 350 -19.53 -8.05 -2.37
N GLN A 351 -20.02 -7.07 -3.11
CA GLN A 351 -21.45 -6.93 -3.35
C GLN A 351 -22.10 -8.11 -4.05
N PRO A 352 -21.47 -8.62 -5.11
CA PRO A 352 -22.03 -9.75 -5.85
C PRO A 352 -22.01 -11.02 -5.02
N VAL A 353 -21.22 -11.01 -3.95
CA VAL A 353 -21.18 -12.20 -3.11
C VAL A 353 -22.41 -12.16 -2.22
N ARG A 354 -22.67 -11.01 -1.60
CA ARG A 354 -23.83 -10.88 -0.76
C ARG A 354 -25.07 -11.24 -1.57
N LYS A 355 -25.27 -10.57 -2.69
CA LYS A 355 -26.45 -10.87 -3.49
C LYS A 355 -26.62 -12.37 -3.70
N VAL A 356 -25.54 -13.09 -3.93
CA VAL A 356 -25.66 -14.52 -4.17
C VAL A 356 -25.99 -15.34 -2.94
N GLN A 357 -25.52 -14.89 -1.79
CA GLN A 357 -25.74 -15.63 -0.57
C GLN A 357 -27.11 -15.35 0.02
N SER A 358 -27.49 -14.10 -0.02
CA SER A 358 -28.75 -13.68 0.53
C SER A 358 -29.91 -13.71 -0.45
N ALA A 359 -29.72 -14.32 -1.61
CA ALA A 359 -30.79 -14.38 -2.61
C ALA A 359 -31.89 -15.35 -2.23
N THR A 360 -33.06 -15.16 -2.83
CA THR A 360 -34.24 -16.01 -2.58
C THR A 360 -34.77 -16.63 -3.89
N HIS A 361 -34.39 -16.00 -5.01
CA HIS A 361 -34.78 -16.44 -6.36
C HIS A 361 -33.63 -16.38 -7.34
N PHE A 362 -33.61 -17.31 -8.29
CA PHE A 362 -32.57 -17.34 -9.31
C PHE A 362 -33.11 -17.56 -10.73
N LYS A 363 -32.83 -16.64 -11.65
CA LYS A 363 -33.25 -16.81 -13.03
C LYS A 363 -32.36 -17.90 -13.59
N LYS A 364 -32.53 -18.23 -14.87
CA LYS A 364 -31.70 -19.24 -15.51
C LYS A 364 -31.05 -18.58 -16.75
N VAL A 365 -30.06 -17.73 -16.55
CA VAL A 365 -29.44 -17.03 -17.68
C VAL A 365 -28.51 -17.87 -18.55
N ARG A 366 -27.98 -17.25 -19.60
CA ARG A 366 -27.05 -17.92 -20.52
C ARG A 366 -25.70 -17.18 -20.41
N GLY A 367 -24.59 -17.91 -20.33
CA GLY A 367 -23.30 -17.27 -20.22
C GLY A 367 -22.20 -18.30 -20.38
N PRO A 368 -20.93 -17.90 -20.31
CA PRO A 368 -19.80 -18.82 -20.47
C PRO A 368 -19.77 -20.06 -19.54
N SER A 369 -19.30 -21.17 -20.08
CA SER A 369 -19.20 -22.42 -19.31
C SER A 369 -18.15 -22.25 -18.24
N ARG A 370 -18.52 -22.53 -16.99
CA ARG A 370 -17.57 -22.44 -15.88
C ARG A 370 -16.36 -23.31 -16.11
N ALA A 371 -16.52 -24.44 -16.79
CA ALA A 371 -15.38 -25.31 -17.01
C ALA A 371 -14.57 -24.93 -18.25
N ASP A 372 -15.19 -24.21 -19.18
CA ASP A 372 -14.55 -23.81 -20.42
C ASP A 372 -15.21 -22.55 -20.94
N PRO A 373 -14.72 -21.38 -20.49
CA PRO A 373 -15.20 -20.06 -20.84
C PRO A 373 -15.65 -19.86 -22.29
N ASN A 374 -14.91 -20.38 -23.27
CA ASN A 374 -15.37 -20.16 -24.63
C ASN A 374 -16.35 -21.24 -25.11
N CYS A 375 -17.49 -21.30 -24.43
CA CYS A 375 -18.55 -22.26 -24.73
C CYS A 375 -19.82 -21.87 -23.97
N ILE A 376 -20.59 -20.90 -24.48
CA ILE A 376 -21.83 -20.43 -23.82
C ILE A 376 -22.88 -21.54 -23.55
N VAL A 377 -23.66 -21.42 -22.48
CA VAL A 377 -24.58 -22.53 -22.16
C VAL A 377 -26.10 -22.40 -21.93
N ASN A 378 -26.67 -21.21 -21.79
CA ASN A 378 -28.15 -21.15 -21.60
C ASN A 378 -28.49 -22.10 -20.46
N ASP A 379 -27.78 -22.01 -19.36
CA ASP A 379 -27.94 -22.97 -18.27
C ASP A 379 -27.57 -22.43 -16.88
N LEU A 380 -26.78 -21.38 -16.87
CA LEU A 380 -26.31 -20.76 -15.66
C LEU A 380 -27.47 -20.21 -14.86
N LEU A 381 -27.26 -20.05 -13.56
CA LEU A 381 -28.25 -19.49 -12.67
C LEU A 381 -27.64 -18.23 -12.07
N THR A 382 -28.43 -17.16 -11.96
CA THR A 382 -27.97 -15.89 -11.39
C THR A 382 -29.04 -15.37 -10.41
N PRO A 383 -28.63 -14.80 -9.26
CA PRO A 383 -29.64 -14.29 -8.31
C PRO A 383 -30.44 -13.18 -8.98
N CYS A 384 -31.72 -13.07 -8.62
CA CYS A 384 -32.65 -12.05 -9.14
C CYS A 384 -33.83 -11.82 -8.20
N SER A 385 -34.45 -10.65 -8.33
CA SER A 385 -35.61 -10.25 -7.53
C SER A 385 -36.74 -11.27 -7.72
N PRO A 386 -37.52 -11.52 -6.66
CA PRO A 386 -38.65 -12.47 -6.71
C PRO A 386 -39.61 -12.04 -7.81
N GLY A 387 -39.76 -10.72 -7.96
CA GLY A 387 -40.63 -10.19 -8.99
C GLY A 387 -39.86 -9.98 -10.31
N ASP A 388 -39.49 -11.09 -10.95
CA ASP A 388 -38.76 -11.07 -12.21
C ASP A 388 -39.13 -12.30 -13.01
N PRO A 389 -39.40 -12.11 -14.32
CA PRO A 389 -39.78 -13.20 -15.23
C PRO A 389 -38.71 -14.27 -15.35
N GLY A 390 -39.05 -15.48 -14.92
CA GLY A 390 -38.12 -16.60 -14.98
C GLY A 390 -37.52 -16.93 -13.62
N ALA A 391 -38.00 -16.22 -12.60
CA ALA A 391 -37.51 -16.39 -11.24
C ALA A 391 -37.87 -17.72 -10.56
N ILE A 392 -36.88 -18.61 -10.42
CA ILE A 392 -37.07 -19.91 -9.77
C ILE A 392 -37.02 -19.74 -8.25
N GLU A 393 -37.78 -20.57 -7.53
CA GLU A 393 -37.86 -20.55 -6.08
C GLU A 393 -36.78 -21.44 -5.46
N MET A 394 -35.67 -20.83 -5.01
CA MET A 394 -34.56 -21.58 -4.40
C MET A 394 -33.35 -20.71 -4.11
N THR A 395 -32.62 -21.05 -3.05
CA THR A 395 -31.42 -20.32 -2.64
C THR A 395 -30.15 -20.93 -3.21
N TRP A 396 -29.03 -20.29 -2.96
CA TRP A 396 -27.76 -20.78 -3.45
C TRP A 396 -27.50 -22.22 -3.08
N MET A 397 -28.10 -22.66 -1.99
CA MET A 397 -27.94 -24.04 -1.50
C MET A 397 -28.10 -25.01 -2.65
N ASP A 398 -29.18 -24.83 -3.40
CA ASP A 398 -29.51 -25.69 -4.53
C ASP A 398 -28.68 -25.45 -5.78
N VAL A 399 -28.33 -24.18 -6.04
CA VAL A 399 -27.50 -23.81 -7.19
C VAL A 399 -26.20 -24.64 -7.23
N PRO A 400 -26.06 -25.50 -8.24
CA PRO A 400 -24.87 -26.34 -8.40
C PRO A 400 -23.60 -25.51 -8.39
N GLY A 401 -22.52 -26.13 -7.97
CA GLY A 401 -21.27 -25.40 -7.89
C GLY A 401 -20.82 -24.81 -9.20
N ASP A 402 -20.99 -25.53 -10.29
CA ASP A 402 -20.50 -24.99 -11.56
C ASP A 402 -21.49 -24.35 -12.48
N LYS A 403 -22.63 -23.95 -11.93
CA LYS A 403 -23.66 -23.28 -12.73
C LYS A 403 -23.96 -21.87 -12.21
N LEU A 404 -23.18 -21.42 -11.22
CA LEU A 404 -23.39 -20.08 -10.66
C LEU A 404 -22.83 -18.95 -11.51
N LEU A 405 -23.67 -17.97 -11.82
CA LEU A 405 -23.24 -16.83 -12.60
C LEU A 405 -23.39 -15.62 -11.74
N GLU A 406 -22.27 -15.17 -11.18
CA GLU A 406 -22.22 -14.02 -10.30
C GLU A 406 -22.51 -12.73 -11.01
N PRO A 407 -23.03 -11.76 -10.28
CA PRO A 407 -23.37 -10.43 -10.82
C PRO A 407 -22.05 -9.67 -11.05
N VAL A 408 -22.09 -8.62 -11.87
CA VAL A 408 -20.89 -7.82 -12.13
C VAL A 408 -20.95 -6.60 -11.23
N VAL A 409 -19.86 -6.30 -10.52
CA VAL A 409 -19.81 -5.14 -9.64
C VAL A 409 -20.14 -3.93 -10.50
N SER A 410 -21.09 -3.13 -10.03
CA SER A 410 -21.54 -1.98 -10.78
C SER A 410 -21.30 -0.64 -10.13
N MET A 411 -21.50 0.42 -10.91
CA MET A 411 -21.32 1.78 -10.43
C MET A 411 -22.29 2.09 -9.32
N TRP A 412 -23.47 1.48 -9.38
CA TRP A 412 -24.44 1.74 -8.33
C TRP A 412 -23.90 1.18 -7.02
N ASP A 413 -23.18 0.08 -7.10
CA ASP A 413 -22.59 -0.52 -5.92
C ASP A 413 -21.47 0.33 -5.35
N MET A 414 -20.50 0.68 -6.18
CA MET A 414 -19.37 1.48 -5.73
C MET A 414 -19.82 2.77 -5.10
N LEU A 415 -20.93 3.31 -5.60
CA LEU A 415 -21.41 4.55 -5.02
C LEU A 415 -22.03 4.31 -3.66
N ARG A 416 -22.72 3.19 -3.50
CA ARG A 416 -23.34 2.89 -2.23
C ARG A 416 -22.25 2.56 -1.25
N SER A 417 -21.16 2.06 -1.80
CA SER A 417 -20.03 1.68 -1.00
C SER A 417 -19.26 2.91 -0.64
N LEU A 418 -19.32 3.90 -1.51
CA LEU A 418 -18.59 5.12 -1.25
C LEU A 418 -19.33 5.87 -0.15
N SER A 419 -20.66 5.98 -0.26
CA SER A 419 -21.46 6.71 0.73
C SER A 419 -21.24 6.32 2.20
N SER A 420 -21.32 5.03 2.50
CA SER A 420 -21.13 4.63 3.87
C SER A 420 -19.66 4.59 4.25
N THR A 421 -18.92 5.63 3.85
CA THR A 421 -17.49 5.75 4.17
C THR A 421 -17.08 7.19 3.91
N LYS A 422 -16.52 7.84 4.92
CA LYS A 422 -16.10 9.24 4.81
C LYS A 422 -14.59 9.41 5.08
N PRO A 423 -13.97 10.41 4.43
CA PRO A 423 -12.54 10.65 4.61
C PRO A 423 -12.15 10.76 6.08
N THR A 424 -11.05 10.12 6.45
CA THR A 424 -10.56 10.15 7.84
C THR A 424 -9.58 11.31 7.99
N VAL A 425 -8.64 11.39 7.04
CA VAL A 425 -7.58 12.42 7.00
C VAL A 425 -8.10 13.85 6.99
N ASN A 426 -8.13 14.45 8.18
CA ASN A 426 -8.56 15.81 8.37
C ASN A 426 -7.35 16.77 8.30
N GLU A 427 -7.64 18.07 8.32
CA GLU A 427 -6.61 19.11 8.24
C GLU A 427 -5.55 19.11 9.36
N GLN A 428 -5.87 18.53 10.53
CA GLN A 428 -4.90 18.48 11.64
C GLN A 428 -3.69 17.67 11.18
N ASP A 429 -3.98 16.57 10.51
CA ASP A 429 -2.96 15.68 9.95
C ASP A 429 -1.95 16.54 9.18
N LEU A 430 -2.44 17.28 8.20
CA LEU A 430 -1.58 18.15 7.40
C LEU A 430 -1.10 19.34 8.24
N LEU A 431 -1.89 19.72 9.25
CA LEU A 431 -1.54 20.84 10.13
C LEU A 431 -0.27 20.58 10.92
N LYS A 432 -0.32 19.59 11.81
CA LYS A 432 0.83 19.23 12.63
C LYS A 432 1.88 18.57 11.75
N LEU A 433 1.53 18.34 10.49
CA LEU A 433 2.40 17.71 9.51
C LEU A 433 3.15 18.78 8.73
N LYS A 434 2.45 19.85 8.38
CA LYS A 434 3.05 20.96 7.66
C LYS A 434 4.21 21.43 8.51
N LYS A 435 4.01 21.44 9.83
CA LYS A 435 5.03 21.88 10.78
C LYS A 435 6.35 21.16 10.52
N PHE A 436 6.36 19.85 10.72
CA PHE A 436 7.55 19.04 10.49
C PHE A 436 8.24 19.39 9.18
N THR A 437 7.45 19.58 8.13
CA THR A 437 7.99 19.89 6.79
C THR A 437 8.90 21.12 6.85
N GLU A 438 8.35 22.23 7.33
CA GLU A 438 9.09 23.48 7.44
C GLU A 438 10.22 23.41 8.45
N ASP A 439 9.83 23.24 9.71
CA ASP A 439 10.76 23.20 10.82
C ASP A 439 11.77 22.09 10.88
N PHE A 440 11.90 21.31 9.83
CA PHE A 440 12.91 20.27 9.86
C PHE A 440 13.61 20.11 8.53
N GLY A 441 12.99 20.63 7.47
CA GLY A 441 13.58 20.55 6.14
C GLY A 441 14.34 19.25 5.91
N GLN A 442 15.50 19.33 5.27
CA GLN A 442 16.28 18.13 5.01
C GLN A 442 17.19 17.83 6.21
N GLU A 443 18.28 17.10 5.97
CA GLU A 443 19.21 16.73 7.04
C GLU A 443 18.32 16.19 8.15
N GLY A 444 17.31 15.45 7.70
CA GLY A 444 16.31 14.86 8.58
C GLY A 444 14.96 14.97 7.90
#